data_7PQQ
#
_entry.id   7PQQ
#
_cell.length_a   1.00
_cell.length_b   1.00
_cell.length_c   1.00
_cell.angle_alpha   90.00
_cell.angle_beta   90.00
_cell.angle_gamma   90.00
#
_symmetry.space_group_name_H-M   'P 1'
#
loop_
_entity.id
_entity.type
_entity.pdbx_description
1 polymer 'Sodium/bile acid cotransporter'
2 polymer 'Anti-RON nanobody,Megabody 91,Glucosidase YgjK'
#
loop_
_entity_poly.entity_id
_entity_poly.type
_entity_poly.pdbx_seq_one_letter_code
_entity_poly.pdbx_strand_id
1 'polypeptide(L)'
;MAHTASAPFTFTLPPNFGKRPTDLALSVILVVMLFIIMLSLGCTMEFSKIKAHLWKPKGLAIALVAQYGIMPLTAFVLGK
VFRLNNIEALAILICGCSPGGNLSNIFSLAMKGDMNLSIVMTTCSTFLALGMMPLLLYIYSRGIYDGDLKDKVPYKGIVI
SLVLVLIPCTIGIVLKSKRPQYMRYVIKGGMIIILLCSVAVTVLSAINVGKSIMFAMTPHLIATSSLMPFIGFLLGYVLS
ALFCLNGRCRRTVSMETGCQNVQLCSTILNVAFPPEVIGPLFFFPLLYMIFQLGEGLLLIAIFWCYEKFKTPKDKTKMIY
TAATTEELEVLFQ
;
A
2 'polypeptide(L)'
;QVQLVESGGGLVKEETQSGLNNYARVVEKGQYDSLEIPAQVAASWESGRDDAAVFGFIDKEQLDKYVANGGKRSDWTVKF
AENRSQDGTLLGYSLLQESVDQASYMYSDNHYLAEMATILGKPEEAKRYRQLAQQLADYINTCMFDPTTQFYYDVRIEDK
PLANGCAGKPIVERGKGPEGWSPLFNGAATQANADAVVKVMLDPKEFNTFVPLGTAALTNPAFGADIYWRGRVWVDQFWF
GLKGMERYGYRDDALKLADTFFRHAKGLTADGPIQENYNPLTGAQQGAPNFSWSAAHLYMLYNDFFRKQASGGGSGGGGS
GGGGSGNADNYKNVINRTGAPQYMKDYDYDDHQRFNPFFDLGAWHGHLLPDGPNTMGGFPGVALLTEEYINFMASNFDRL
TVWQDGKKVDFTLEAYSIPGALVQKLTAKDVQVEMTLRFATPRTSLLETKITSNKPLDLVWDGELLEKLEAKEGKPLSDK
TIAGEYPDYQRKISATRDGLKVTFGKVRATWDLLTSGESEYQVHKSLPVQTEINGNRFTSKAHINGSTTLYTTYSHLLTA
QEVSKEQMQIRDILARPAFYLTASQQRWEEYLKKGLTNPDATPEQTRVAVKAIETLNGNWRSPGGAVKFNTVTPSVTGRW
FSGNQTWPWDTWKQAFAMAHFNPDIAKENIRAVFSWQIQPGDSVRPQDVGFVPDLIAWNLSPERGGDGGNWNERNTKPSL
AAWSVMEVYNVTQDKTWVAEMYPKLVAYHDWWLRNRDHNGNGVPEYGATRDKAHNTESGEMLFTVKKSLRLSCAASTNLR
SYAMAWFRQAPGKEREFVSFINWNYGNTRYADSVKGRFTISRDNAKITVYLQMNSLKPEDTAVYYCAAATIGRLAGIDST
TLYDYWGQGTQVTVSSHHHHHHEPEA
;
B
#
# COMPACT_ATOMS: atom_id res chain seq x y z
N PHE A 11 -3.75 -7.08 -17.71
CA PHE A 11 -2.36 -7.37 -18.01
C PHE A 11 -1.42 -6.59 -17.09
N THR A 12 -0.94 -5.46 -17.57
CA THR A 12 0.12 -4.71 -16.88
C THR A 12 -0.42 -3.38 -16.38
N LEU A 13 0.49 -2.58 -15.81
CA LEU A 13 0.29 -1.17 -15.54
C LEU A 13 1.10 -0.41 -16.58
N PRO A 14 0.50 -0.05 -17.71
CA PRO A 14 1.27 0.55 -18.81
C PRO A 14 1.92 1.88 -18.43
N PRO A 15 1.19 2.86 -17.91
CA PRO A 15 1.81 4.18 -17.73
C PRO A 15 2.94 4.13 -16.72
N ASN A 16 3.93 5.01 -16.93
CA ASN A 16 5.03 5.14 -15.99
C ASN A 16 4.74 6.22 -14.96
N PHE A 17 5.11 5.94 -13.71
CA PHE A 17 4.82 6.87 -12.64
C PHE A 17 5.91 7.93 -12.52
N GLY A 18 5.64 8.96 -11.74
CA GLY A 18 6.54 10.09 -11.63
C GLY A 18 6.64 10.89 -12.91
N LYS A 19 5.53 11.09 -13.60
CA LYS A 19 5.49 11.87 -14.83
C LYS A 19 5.07 13.30 -14.51
N ARG A 20 5.79 14.27 -15.07
CA ARG A 20 5.47 15.67 -14.81
C ARG A 20 4.06 16.07 -15.20
N PRO A 21 3.50 15.67 -16.37
CA PRO A 21 2.17 16.17 -16.75
C PRO A 21 1.07 15.93 -15.73
N THR A 22 0.90 14.70 -15.27
CA THR A 22 -0.26 14.35 -14.44
C THR A 22 0.10 13.79 -13.07
N ASP A 23 1.14 12.95 -12.97
CA ASP A 23 1.45 12.33 -11.69
C ASP A 23 1.84 13.36 -10.64
N LEU A 24 2.45 14.46 -11.05
CA LEU A 24 2.78 15.53 -10.10
C LEU A 24 1.52 16.31 -9.71
N ALA A 25 0.58 16.50 -10.64
CA ALA A 25 -0.64 17.22 -10.32
C ALA A 25 -1.45 16.51 -9.24
N LEU A 26 -1.24 15.22 -9.04
CA LEU A 26 -1.89 14.52 -7.94
C LEU A 26 -1.34 14.97 -6.60
N SER A 27 -0.04 15.29 -6.55
CA SER A 27 0.62 15.64 -5.30
C SER A 27 0.83 17.13 -5.13
N VAL A 28 1.23 17.85 -6.18
CA VAL A 28 1.45 19.29 -6.06
C VAL A 28 0.16 20.04 -5.81
N ILE A 29 -0.99 19.42 -6.08
CA ILE A 29 -2.28 20.01 -5.76
C ILE A 29 -2.84 19.47 -4.44
N LEU A 30 -2.50 18.24 -4.06
CA LEU A 30 -2.97 17.70 -2.80
C LEU A 30 -2.46 18.51 -1.62
N VAL A 31 -1.23 19.00 -1.71
CA VAL A 31 -0.69 19.84 -0.64
C VAL A 31 -1.54 21.10 -0.48
N VAL A 32 -1.91 21.72 -1.60
CA VAL A 32 -2.81 22.87 -1.55
C VAL A 32 -4.16 22.45 -1.00
N MET A 33 -4.65 21.28 -1.41
CA MET A 33 -5.91 20.77 -0.89
C MET A 33 -5.84 20.58 0.62
N LEU A 34 -4.75 19.97 1.11
CA LEU A 34 -4.66 19.69 2.53
C LEU A 34 -4.36 20.94 3.35
N PHE A 35 -3.63 21.89 2.78
CA PHE A 35 -3.19 23.06 3.55
C PHE A 35 -4.37 23.88 4.04
N ILE A 36 -5.26 24.26 3.13
CA ILE A 36 -6.40 25.09 3.50
C ILE A 36 -7.40 24.29 4.32
N ILE A 37 -7.63 23.03 3.94
CA ILE A 37 -8.63 22.21 4.62
C ILE A 37 -8.33 22.10 6.10
N MET A 38 -7.10 21.74 6.45
CA MET A 38 -6.79 21.58 7.86
C MET A 38 -6.64 22.92 8.56
N LEU A 39 -6.17 23.95 7.85
CA LEU A 39 -6.17 25.30 8.40
C LEU A 39 -7.59 25.77 8.69
N SER A 40 -8.52 25.47 7.78
CA SER A 40 -9.94 25.70 8.07
C SER A 40 -10.40 24.78 9.21
N LEU A 41 -9.93 23.53 9.21
CA LEU A 41 -10.26 22.63 10.31
C LEU A 41 -9.66 23.12 11.62
N GLY A 42 -8.57 23.89 11.55
CA GLY A 42 -7.90 24.35 12.75
C GLY A 42 -8.69 25.37 13.55
N CYS A 43 -9.81 25.85 13.04
CA CYS A 43 -10.63 26.85 13.73
C CYS A 43 -11.73 26.23 14.58
N THR A 44 -11.52 25.02 15.09
CA THR A 44 -12.48 24.38 15.97
C THR A 44 -11.78 23.74 17.17
N MET A 45 -10.64 24.30 17.58
CA MET A 45 -9.84 23.72 18.64
C MET A 45 -9.35 24.82 19.56
N GLU A 46 -9.36 24.56 20.86
CA GLU A 46 -8.87 25.50 21.87
C GLU A 46 -7.66 24.88 22.56
N PHE A 47 -6.54 25.62 22.56
CA PHE A 47 -5.30 25.09 23.12
C PHE A 47 -5.38 24.92 24.63
N SER A 48 -6.14 25.77 25.31
CA SER A 48 -6.16 25.77 26.78
C SER A 48 -6.57 24.43 27.35
N LYS A 49 -7.33 23.63 26.60
CA LYS A 49 -7.69 22.29 27.03
C LYS A 49 -6.93 21.21 26.25
N ILE A 50 -6.10 21.59 25.28
CA ILE A 50 -5.26 20.60 24.61
C ILE A 50 -4.30 19.98 25.61
N LYS A 51 -3.66 20.82 26.45
CA LYS A 51 -2.75 20.30 27.46
C LYS A 51 -3.47 19.38 28.43
N ALA A 52 -4.78 19.57 28.61
CA ALA A 52 -5.54 18.62 29.42
C ALA A 52 -5.53 17.24 28.78
N HIS A 53 -5.68 17.17 27.46
CA HIS A 53 -5.62 15.88 26.78
C HIS A 53 -4.23 15.27 26.88
N LEU A 54 -3.19 16.08 26.71
CA LEU A 54 -1.82 15.57 26.71
C LEU A 54 -1.35 15.19 28.11
N TRP A 55 -1.62 16.03 29.10
CA TRP A 55 -1.05 15.81 30.43
C TRP A 55 -1.55 14.51 31.03
N LYS A 56 -2.83 14.20 30.87
CA LYS A 56 -3.39 12.94 31.32
C LYS A 56 -3.55 12.02 30.12
N PRO A 57 -2.79 10.94 30.01
CA PRO A 57 -2.72 10.19 28.75
C PRO A 57 -3.86 9.22 28.53
N LYS A 58 -4.96 9.36 29.29
CA LYS A 58 -6.09 8.46 29.11
C LYS A 58 -6.69 8.55 27.72
N GLY A 59 -6.44 9.64 27.00
CA GLY A 59 -7.02 9.82 25.68
C GLY A 59 -6.33 9.04 24.57
N LEU A 60 -5.06 9.36 24.32
CA LEU A 60 -4.37 8.75 23.19
C LEU A 60 -4.01 7.30 23.44
N ALA A 61 -3.84 6.92 24.71
CA ALA A 61 -3.28 5.61 25.03
C ALA A 61 -4.07 4.48 24.39
N ILE A 62 -5.40 4.53 24.50
CA ILE A 62 -6.22 3.48 23.89
C ILE A 62 -6.11 3.52 22.38
N ALA A 63 -6.09 4.71 21.79
CA ALA A 63 -6.06 4.80 20.33
C ALA A 63 -4.68 4.51 19.78
N LEU A 64 -3.63 5.01 20.43
CA LEU A 64 -2.27 4.76 19.95
C LEU A 64 -1.94 3.28 20.01
N VAL A 65 -2.33 2.61 21.10
CA VAL A 65 -2.16 1.16 21.18
C VAL A 65 -3.07 0.47 20.18
N ALA A 66 -4.22 1.06 19.87
CA ALA A 66 -5.18 0.44 18.96
C ALA A 66 -4.66 0.33 17.53
N GLN A 67 -3.56 1.01 17.19
CA GLN A 67 -3.00 0.93 15.86
C GLN A 67 -1.52 0.61 15.83
N TYR A 68 -0.88 0.45 16.99
CA TYR A 68 0.50 0.00 17.06
C TYR A 68 0.65 -1.30 17.84
N GLY A 69 -0.44 -1.85 18.35
CA GLY A 69 -0.39 -3.14 19.00
C GLY A 69 -1.57 -4.01 18.63
N ILE A 70 -2.48 -3.47 17.82
CA ILE A 70 -3.72 -4.15 17.45
C ILE A 70 -3.90 -4.22 15.94
N MET A 71 -3.82 -3.08 15.26
CA MET A 71 -3.95 -3.07 13.81
C MET A 71 -2.90 -3.92 13.10
N PRO A 72 -1.62 -3.91 13.48
CA PRO A 72 -0.68 -4.84 12.84
C PRO A 72 -1.11 -6.30 13.00
N LEU A 73 -1.71 -6.67 14.13
CA LEU A 73 -2.25 -8.01 14.27
C LEU A 73 -3.34 -8.27 13.23
N THR A 74 -4.25 -7.30 13.05
CA THR A 74 -5.31 -7.45 12.07
C THR A 74 -4.75 -7.64 10.68
N ALA A 75 -3.71 -6.87 10.34
CA ALA A 75 -3.08 -7.03 9.04
C ALA A 75 -2.32 -8.35 8.95
N PHE A 76 -1.63 -8.73 10.02
CA PHE A 76 -0.84 -9.96 9.99
C PHE A 76 -1.73 -11.19 10.01
N VAL A 77 -2.82 -11.16 10.78
CA VAL A 77 -3.73 -12.31 10.81
C VAL A 77 -4.35 -12.54 9.44
N LEU A 78 -4.79 -11.48 8.78
CA LEU A 78 -5.35 -11.62 7.44
C LEU A 78 -4.34 -12.19 6.47
N GLY A 79 -3.05 -11.98 6.72
CA GLY A 79 -2.02 -12.56 5.88
C GLY A 79 -1.97 -14.06 5.96
N LYS A 80 -1.68 -14.59 7.15
CA LYS A 80 -1.55 -16.04 7.31
C LYS A 80 -2.87 -16.75 7.04
N VAL A 81 -3.99 -16.19 7.53
CA VAL A 81 -5.28 -16.86 7.38
C VAL A 81 -5.67 -16.96 5.92
N PHE A 82 -5.55 -15.85 5.18
CA PHE A 82 -5.90 -15.87 3.76
C PHE A 82 -4.83 -16.53 2.90
N ARG A 83 -3.67 -16.83 3.48
CA ARG A 83 -2.56 -17.43 2.73
C ARG A 83 -2.21 -16.57 1.52
N LEU A 84 -2.07 -15.27 1.73
CA LEU A 84 -1.63 -14.39 0.66
C LEU A 84 -0.12 -14.51 0.45
N ASN A 85 0.30 -14.22 -0.77
CA ASN A 85 1.73 -14.27 -1.10
C ASN A 85 2.47 -13.17 -0.34
N ASN A 86 3.78 -13.34 -0.25
CA ASN A 86 4.60 -12.49 0.60
C ASN A 86 4.82 -11.09 0.02
N ILE A 87 4.11 -10.72 -1.04
CA ILE A 87 4.11 -9.34 -1.50
C ILE A 87 2.85 -8.60 -1.03
N GLU A 88 1.68 -9.16 -1.28
CA GLU A 88 0.46 -8.55 -0.74
C GLU A 88 0.35 -8.76 0.76
N ALA A 89 0.89 -9.87 1.28
CA ALA A 89 0.92 -10.05 2.72
C ALA A 89 1.80 -9.02 3.40
N LEU A 90 2.69 -8.37 2.66
CA LEU A 90 3.50 -7.28 3.19
C LEU A 90 2.95 -5.91 2.84
N ALA A 91 2.22 -5.78 1.73
CA ALA A 91 1.60 -4.51 1.40
C ALA A 91 0.52 -4.13 2.40
N ILE A 92 -0.25 -5.12 2.85
CA ILE A 92 -1.28 -4.84 3.85
C ILE A 92 -0.70 -4.74 5.26
N LEU A 93 0.47 -5.34 5.49
CA LEU A 93 1.11 -5.18 6.79
C LEU A 93 1.72 -3.78 6.94
N ILE A 94 2.33 -3.27 5.88
CA ILE A 94 2.86 -1.91 5.91
C ILE A 94 1.72 -0.90 6.07
N CYS A 95 0.57 -1.18 5.46
CA CYS A 95 -0.61 -0.35 5.69
C CYS A 95 -1.03 -0.42 7.15
N GLY A 96 -0.92 -1.59 7.77
CA GLY A 96 -1.33 -1.73 9.16
C GLY A 96 -0.48 -0.93 10.12
N CYS A 97 0.84 -0.96 9.93
CA CYS A 97 1.73 -0.22 10.82
C CYS A 97 1.68 1.28 10.61
N SER A 98 1.00 1.75 9.56
CA SER A 98 1.03 3.17 9.23
C SER A 98 0.36 4.01 10.32
N PRO A 99 0.82 5.24 10.52
CA PRO A 99 0.32 6.05 11.62
C PRO A 99 -1.06 6.60 11.32
N GLY A 100 -1.62 7.32 12.29
CA GLY A 100 -2.93 7.93 12.16
C GLY A 100 -3.03 8.84 10.95
N GLY A 101 -4.09 8.67 10.16
CA GLY A 101 -4.18 9.37 8.90
C GLY A 101 -4.43 10.86 9.08
N ASN A 102 -3.72 11.66 8.28
CA ASN A 102 -3.98 13.10 8.26
C ASN A 102 -5.35 13.43 7.69
N LEU A 103 -5.95 12.51 6.95
CA LEU A 103 -7.32 12.67 6.47
C LEU A 103 -8.34 12.08 7.43
N SER A 104 -7.90 11.51 8.56
CA SER A 104 -8.83 11.05 9.58
C SER A 104 -9.40 12.20 10.40
N ASN A 105 -8.61 13.25 10.61
CA ASN A 105 -9.06 14.38 11.41
C ASN A 105 -10.29 15.04 10.80
N ILE A 106 -10.50 14.90 9.50
CA ILE A 106 -11.73 15.37 8.88
C ILE A 106 -12.92 14.60 9.44
N PHE A 107 -12.76 13.30 9.65
CA PHE A 107 -13.89 12.46 10.01
C PHE A 107 -14.35 12.67 11.44
N SER A 108 -13.53 13.29 12.29
CA SER A 108 -13.98 13.60 13.64
C SER A 108 -14.97 14.75 13.65
N LEU A 109 -14.84 15.68 12.70
CA LEU A 109 -15.75 16.82 12.66
C LEU A 109 -17.18 16.39 12.39
N ALA A 110 -17.39 15.55 11.38
CA ALA A 110 -18.73 15.11 11.04
C ALA A 110 -19.30 14.13 12.05
N MET A 111 -18.48 13.64 12.97
CA MET A 111 -18.89 12.62 13.92
C MET A 111 -19.25 13.20 15.29
N LYS A 112 -19.17 14.52 15.45
CA LYS A 112 -19.38 15.21 16.72
C LYS A 112 -18.44 14.72 17.81
N GLY A 113 -17.31 14.15 17.43
CA GLY A 113 -16.36 13.66 18.42
C GLY A 113 -15.54 14.77 19.03
N ASP A 114 -14.69 14.38 19.99
CA ASP A 114 -13.85 15.35 20.67
C ASP A 114 -12.69 15.77 19.77
N MET A 115 -12.91 16.82 18.96
CA MET A 115 -11.95 17.18 17.93
C MET A 115 -10.58 17.52 18.50
N ASN A 116 -10.53 18.01 19.74
CA ASN A 116 -9.24 18.33 20.35
C ASN A 116 -8.39 17.09 20.54
N LEU A 117 -9.00 15.96 20.85
CA LEU A 117 -8.26 14.72 21.03
C LEU A 117 -7.87 14.07 19.72
N SER A 118 -8.36 14.57 18.59
CA SER A 118 -7.96 14.02 17.30
C SER A 118 -6.48 14.31 17.02
N ILE A 119 -6.04 15.56 17.27
CA ILE A 119 -4.64 15.90 17.04
C ILE A 119 -3.74 15.14 18.00
N VAL A 120 -4.14 15.02 19.27
CA VAL A 120 -3.31 14.37 20.27
C VAL A 120 -3.05 12.91 19.91
N MET A 121 -3.83 12.33 19.00
CA MET A 121 -3.57 10.99 18.50
C MET A 121 -3.29 10.95 17.01
N THR A 122 -3.17 12.09 16.35
CA THR A 122 -2.76 12.14 14.95
C THR A 122 -1.32 12.59 14.79
N THR A 123 -0.97 13.75 15.37
CA THR A 123 0.41 14.21 15.31
C THR A 123 1.31 13.45 16.27
N CYS A 124 0.79 13.09 17.44
CA CYS A 124 1.57 12.34 18.40
C CYS A 124 1.73 10.88 18.01
N SER A 125 0.80 10.33 17.25
CA SER A 125 0.90 8.96 16.76
C SER A 125 1.65 8.87 15.44
N THR A 126 2.01 10.01 14.85
CA THR A 126 2.88 10.01 13.69
C THR A 126 4.35 10.15 14.08
N PHE A 127 4.62 10.86 15.18
CA PHE A 127 5.99 10.92 15.70
C PHE A 127 6.46 9.57 16.22
N LEU A 128 5.53 8.67 16.55
CA LEU A 128 5.92 7.31 16.91
C LEU A 128 6.13 6.41 15.70
N ALA A 129 5.59 6.78 14.54
CA ALA A 129 5.86 6.01 13.33
C ALA A 129 7.33 6.02 12.98
N LEU A 130 8.05 7.10 13.32
CA LEU A 130 9.48 7.15 13.09
C LEU A 130 10.21 6.12 13.93
N GLY A 131 9.78 5.93 15.18
CA GLY A 131 10.48 5.05 16.09
C GLY A 131 9.93 3.65 16.23
N MET A 132 8.66 3.46 15.85
CA MET A 132 8.05 2.14 15.95
C MET A 132 8.19 1.35 14.66
N MET A 133 7.66 1.88 13.56
CA MET A 133 7.58 1.12 12.31
C MET A 133 8.92 0.50 11.89
N PRO A 134 10.05 1.22 11.88
CA PRO A 134 11.31 0.55 11.52
C PRO A 134 11.65 -0.62 12.41
N LEU A 135 11.32 -0.54 13.70
CA LEU A 135 11.51 -1.65 14.62
C LEU A 135 10.23 -2.41 14.88
N LEU A 136 9.13 -2.03 14.24
CA LEU A 136 7.89 -2.80 14.29
C LEU A 136 7.80 -3.81 13.15
N LEU A 137 8.73 -3.76 12.20
CA LEU A 137 8.72 -4.70 11.09
C LEU A 137 9.54 -5.95 11.36
N TYR A 138 10.59 -5.86 12.18
CA TYR A 138 11.36 -7.05 12.51
C TYR A 138 10.52 -8.11 13.18
N ILE A 139 9.50 -7.70 13.95
CA ILE A 139 8.63 -8.66 14.62
C ILE A 139 7.51 -9.14 13.72
N TYR A 140 7.40 -8.61 12.50
CA TYR A 140 6.30 -8.95 11.61
C TYR A 140 6.73 -9.31 10.19
N SER A 141 7.96 -9.02 9.81
CA SER A 141 8.52 -9.42 8.52
C SER A 141 9.65 -10.42 8.71
N ARG A 142 9.48 -11.35 9.65
CA ARG A 142 10.54 -12.34 9.90
C ARG A 142 10.66 -13.34 8.77
N GLY A 143 9.59 -13.56 8.01
CA GLY A 143 9.61 -14.50 6.92
C GLY A 143 8.89 -14.03 5.68
N ILE A 144 8.59 -12.73 5.63
CA ILE A 144 7.87 -12.13 4.51
C ILE A 144 8.77 -11.26 3.64
N TYR A 145 9.98 -10.95 4.09
CA TYR A 145 10.89 -10.15 3.29
C TYR A 145 12.31 -10.52 3.73
N ASP A 146 13.22 -10.61 2.77
CA ASP A 146 14.54 -11.17 3.07
C ASP A 146 15.48 -10.10 3.61
N GLY A 147 15.61 -8.98 2.91
CA GLY A 147 16.51 -7.93 3.35
C GLY A 147 15.93 -7.16 4.52
N ASP A 148 16.62 -6.09 4.88
CA ASP A 148 16.20 -5.23 5.97
C ASP A 148 15.34 -4.09 5.47
N LEU A 149 14.38 -3.68 6.30
CA LEU A 149 13.50 -2.57 6.00
C LEU A 149 13.97 -1.27 6.65
N LYS A 150 15.18 -1.28 7.24
CA LYS A 150 15.67 -0.11 7.96
C LYS A 150 15.75 1.11 7.05
N ASP A 151 16.27 0.94 5.85
CA ASP A 151 16.48 2.06 4.95
C ASP A 151 15.27 2.37 4.06
N LYS A 152 14.40 1.38 3.83
CA LYS A 152 13.31 1.59 2.89
C LYS A 152 12.26 2.56 3.42
N VAL A 153 12.15 2.68 4.74
CA VAL A 153 11.14 3.57 5.33
C VAL A 153 11.48 5.01 4.98
N PRO A 154 10.51 5.82 4.55
CA PRO A 154 10.79 7.23 4.19
C PRO A 154 10.80 8.18 5.38
N TYR A 155 11.93 8.20 6.09
CA TYR A 155 12.05 9.01 7.29
C TYR A 155 11.82 10.49 6.98
N LYS A 156 12.55 11.02 5.99
CA LYS A 156 12.40 12.41 5.61
C LYS A 156 11.08 12.70 4.92
N GLY A 157 10.26 11.68 4.68
CA GLY A 157 8.96 11.88 4.07
C GLY A 157 7.85 11.93 5.10
N ILE A 158 8.19 11.67 6.35
CA ILE A 158 7.22 11.79 7.44
C ILE A 158 7.32 13.14 8.12
N VAL A 159 8.55 13.62 8.37
CA VAL A 159 8.72 14.92 9.02
C VAL A 159 8.18 16.03 8.13
N ILE A 160 8.45 15.97 6.83
CA ILE A 160 7.94 16.95 5.90
C ILE A 160 6.46 16.73 5.68
N SER A 161 5.93 15.64 6.23
CA SER A 161 4.50 15.39 6.25
C SER A 161 3.85 15.79 7.57
N LEU A 162 4.51 15.51 8.69
CA LEU A 162 3.99 15.93 9.98
C LEU A 162 4.00 17.45 10.11
N VAL A 163 5.10 18.09 9.71
CA VAL A 163 5.19 19.53 9.82
C VAL A 163 4.20 20.22 8.88
N LEU A 164 4.05 19.69 7.66
CA LEU A 164 3.02 20.20 6.76
C LEU A 164 1.63 20.03 7.35
N VAL A 165 1.45 19.07 8.25
CA VAL A 165 0.20 18.92 8.99
C VAL A 165 0.21 19.79 10.24
N LEU A 166 1.36 19.93 10.90
CA LEU A 166 1.41 20.66 12.16
C LEU A 166 1.16 22.15 11.99
N ILE A 167 1.56 22.72 10.85
CA ILE A 167 1.37 24.16 10.65
C ILE A 167 -0.09 24.56 10.70
N PRO A 168 -1.01 23.95 9.97
CA PRO A 168 -2.43 24.27 10.17
C PRO A 168 -2.95 23.87 11.54
N CYS A 169 -2.29 22.94 12.23
CA CYS A 169 -2.73 22.55 13.56
C CYS A 169 -2.58 23.69 14.56
N THR A 170 -1.49 24.43 14.47
CA THR A 170 -1.25 25.58 15.36
C THR A 170 -1.74 26.88 14.76
N ILE A 171 -1.34 27.20 13.52
CA ILE A 171 -1.81 28.42 12.88
C ILE A 171 -3.33 28.41 12.75
N GLY A 172 -3.93 27.22 12.70
CA GLY A 172 -5.38 27.13 12.65
C GLY A 172 -6.07 27.72 13.87
N ILE A 173 -5.44 27.62 15.04
CA ILE A 173 -6.03 28.22 16.23
C ILE A 173 -5.46 29.62 16.50
N VAL A 174 -4.23 29.89 16.06
CA VAL A 174 -3.61 31.19 16.33
C VAL A 174 -4.43 32.32 15.75
N LEU A 175 -5.26 32.03 14.74
CA LEU A 175 -6.12 33.05 14.18
C LEU A 175 -7.03 33.66 15.23
N LYS A 176 -7.30 32.94 16.31
CA LYS A 176 -8.14 33.42 17.38
C LYS A 176 -7.38 34.28 18.40
N SER A 177 -6.23 34.83 18.01
CA SER A 177 -5.40 35.61 18.92
C SER A 177 -5.25 37.06 18.52
N LYS A 178 -4.97 37.34 17.24
CA LYS A 178 -4.86 38.73 16.81
C LYS A 178 -6.24 39.33 16.56
N ARG A 179 -6.97 38.79 15.58
CA ARG A 179 -8.30 39.26 15.24
C ARG A 179 -9.11 38.12 14.62
N PRO A 180 -10.04 37.51 15.36
CA PRO A 180 -10.96 36.53 14.76
C PRO A 180 -12.07 37.16 13.94
N GLN A 181 -12.17 38.49 13.89
CA GLN A 181 -13.07 39.13 12.93
C GLN A 181 -12.75 38.71 11.51
N TYR A 182 -11.49 38.41 11.24
CA TYR A 182 -11.06 38.03 9.90
C TYR A 182 -11.21 36.53 9.66
N MET A 183 -11.76 35.79 10.62
CA MET A 183 -12.22 34.43 10.34
C MET A 183 -13.39 34.46 9.36
N ARG A 184 -14.30 35.44 9.52
CA ARG A 184 -15.35 35.63 8.53
C ARG A 184 -14.76 35.84 7.14
N TYR A 185 -13.76 36.73 7.05
CA TYR A 185 -13.15 37.03 5.75
C TYR A 185 -12.39 35.85 5.17
N VAL A 186 -12.11 34.81 5.96
CA VAL A 186 -11.33 33.67 5.50
C VAL A 186 -12.20 32.46 5.20
N ILE A 187 -12.96 32.00 6.18
CA ILE A 187 -13.71 30.76 5.98
C ILE A 187 -14.88 30.98 5.02
N LYS A 188 -15.36 32.22 4.88
CA LYS A 188 -16.47 32.47 3.96
C LYS A 188 -16.06 32.15 2.53
N GLY A 189 -14.78 32.29 2.20
CA GLY A 189 -14.28 31.89 0.91
C GLY A 189 -13.72 30.48 0.90
N GLY A 190 -13.25 30.03 2.06
CA GLY A 190 -12.72 28.67 2.14
C GLY A 190 -13.76 27.63 1.76
N MET A 191 -15.01 27.84 2.18
CA MET A 191 -16.10 27.01 1.69
C MET A 191 -16.31 27.20 0.20
N ILE A 192 -16.20 28.44 -0.28
CA ILE A 192 -16.38 28.71 -1.71
C ILE A 192 -15.21 28.17 -2.52
N ILE A 193 -13.99 28.32 -2.03
CA ILE A 193 -12.80 28.11 -2.86
C ILE A 193 -12.36 26.65 -2.84
N ILE A 194 -12.25 26.03 -1.67
CA ILE A 194 -11.63 24.72 -1.59
C ILE A 194 -12.42 23.66 -2.35
N LEU A 195 -13.68 23.94 -2.68
CA LEU A 195 -14.46 23.00 -3.48
C LEU A 195 -13.99 22.98 -4.92
N LEU A 196 -13.32 24.05 -5.38
CA LEU A 196 -12.75 24.04 -6.72
C LEU A 196 -11.55 23.09 -6.79
N CYS A 197 -10.77 23.03 -5.73
CA CYS A 197 -9.60 22.16 -5.71
C CYS A 197 -9.99 20.69 -5.78
N SER A 198 -11.05 20.31 -5.09
CA SER A 198 -11.46 18.91 -5.06
C SER A 198 -11.80 18.40 -6.45
N VAL A 199 -12.31 19.25 -7.32
CA VAL A 199 -12.55 18.85 -8.71
C VAL A 199 -11.23 18.53 -9.39
N ALA A 200 -10.23 19.39 -9.20
CA ALA A 200 -8.92 19.14 -9.80
C ALA A 200 -8.29 17.88 -9.22
N VAL A 201 -8.45 17.66 -7.91
CA VAL A 201 -7.90 16.46 -7.28
C VAL A 201 -8.58 15.21 -7.84
N THR A 202 -9.90 15.23 -7.96
CA THR A 202 -10.61 14.02 -8.36
C THR A 202 -10.50 13.74 -9.85
N VAL A 203 -10.45 14.77 -10.70
CA VAL A 203 -10.40 14.53 -12.14
C VAL A 203 -9.05 13.96 -12.55
N LEU A 204 -7.97 14.56 -12.05
CA LEU A 204 -6.63 14.14 -12.48
C LEU A 204 -6.35 12.70 -12.07
N SER A 205 -6.87 12.27 -10.92
CA SER A 205 -6.70 10.88 -10.50
C SER A 205 -7.33 9.93 -11.52
N ALA A 206 -8.52 10.26 -12.01
CA ALA A 206 -9.16 9.43 -13.02
C ALA A 206 -8.47 9.52 -14.37
N ILE A 207 -7.57 10.49 -14.56
CA ILE A 207 -6.86 10.62 -15.84
C ILE A 207 -5.67 9.68 -15.89
N ASN A 208 -4.87 9.65 -14.83
CA ASN A 208 -3.61 8.89 -14.85
C ASN A 208 -3.81 7.45 -14.37
N VAL A 209 -4.26 7.28 -13.13
CA VAL A 209 -4.27 5.97 -12.50
C VAL A 209 -5.63 5.27 -12.57
N GLY A 210 -6.71 6.00 -12.80
CA GLY A 210 -8.02 5.39 -12.75
C GLY A 210 -8.28 4.42 -13.90
N LYS A 211 -7.61 4.62 -15.04
CA LYS A 211 -7.90 3.82 -16.22
C LYS A 211 -7.57 2.35 -16.00
N SER A 212 -6.41 2.07 -15.39
CA SER A 212 -5.93 0.71 -15.20
C SER A 212 -6.38 0.11 -13.86
N ILE A 213 -7.40 0.69 -13.23
CA ILE A 213 -7.88 0.18 -11.95
C ILE A 213 -8.51 -1.20 -12.13
N MET A 214 -9.12 -1.46 -13.28
CA MET A 214 -9.89 -2.69 -13.47
C MET A 214 -9.04 -3.93 -13.20
N PHE A 215 -7.76 -3.90 -13.57
CA PHE A 215 -6.89 -5.04 -13.28
C PHE A 215 -6.69 -5.20 -11.77
N ALA A 216 -6.62 -4.08 -11.04
CA ALA A 216 -6.16 -4.13 -9.66
C ALA A 216 -7.06 -4.95 -8.75
N MET A 217 -8.37 -4.96 -9.02
CA MET A 217 -9.30 -5.69 -8.17
C MET A 217 -9.01 -7.19 -8.21
N THR A 218 -9.18 -7.83 -7.06
CA THR A 218 -8.88 -9.25 -6.89
C THR A 218 -9.70 -9.77 -5.73
N PRO A 219 -10.32 -10.94 -5.83
CA PRO A 219 -11.16 -11.42 -4.72
C PRO A 219 -10.42 -11.53 -3.40
N HIS A 220 -9.15 -11.92 -3.42
CA HIS A 220 -8.38 -12.00 -2.19
C HIS A 220 -7.66 -10.70 -1.85
N LEU A 221 -7.85 -9.66 -2.65
CA LEU A 221 -7.27 -8.35 -2.37
C LEU A 221 -8.32 -7.32 -1.95
N ILE A 222 -9.49 -7.33 -2.57
CA ILE A 222 -10.57 -6.48 -2.11
C ILE A 222 -11.07 -6.96 -0.75
N ALA A 223 -11.00 -8.26 -0.49
CA ALA A 223 -11.46 -8.79 0.78
C ALA A 223 -10.67 -8.20 1.94
N THR A 224 -9.35 -8.09 1.80
CA THR A 224 -8.56 -7.47 2.85
C THR A 224 -8.78 -5.96 2.89
N SER A 225 -8.83 -5.32 1.73
CA SER A 225 -9.00 -3.87 1.69
C SER A 225 -10.40 -3.42 2.08
N SER A 226 -11.36 -4.34 2.21
CA SER A 226 -12.72 -4.00 2.59
C SER A 226 -12.99 -4.26 4.06
N LEU A 227 -12.45 -5.34 4.61
CA LEU A 227 -12.69 -5.71 5.98
C LEU A 227 -11.68 -5.10 6.94
N MET A 228 -10.56 -4.59 6.45
CA MET A 228 -9.54 -4.04 7.33
C MET A 228 -9.92 -2.63 7.82
N PRO A 229 -10.37 -1.72 6.96
CA PRO A 229 -10.90 -0.46 7.48
C PRO A 229 -12.09 -0.64 8.39
N PHE A 230 -12.91 -1.68 8.16
CA PHE A 230 -14.06 -1.90 9.01
C PHE A 230 -13.65 -2.36 10.40
N ILE A 231 -12.76 -3.35 10.48
CA ILE A 231 -12.32 -3.81 11.80
C ILE A 231 -11.58 -2.71 12.54
N GLY A 232 -10.80 -1.91 11.83
CA GLY A 232 -10.14 -0.79 12.48
C GLY A 232 -11.13 0.18 13.10
N PHE A 233 -12.24 0.42 12.42
CA PHE A 233 -13.29 1.27 12.99
C PHE A 233 -13.88 0.65 14.24
N LEU A 234 -14.50 -0.52 14.10
CA LEU A 234 -15.26 -1.10 15.21
C LEU A 234 -14.35 -1.45 16.38
N LEU A 235 -13.28 -2.20 16.12
CA LEU A 235 -12.40 -2.62 17.21
C LEU A 235 -11.72 -1.42 17.85
N GLY A 236 -11.62 -0.29 17.15
CA GLY A 236 -11.14 0.91 17.78
C GLY A 236 -12.15 1.57 18.70
N TYR A 237 -13.44 1.32 18.46
CA TYR A 237 -14.47 1.97 19.26
C TYR A 237 -14.73 1.22 20.55
N VAL A 238 -14.97 -0.09 20.46
CA VAL A 238 -15.34 -0.86 21.64
C VAL A 238 -14.25 -0.76 22.71
N LEU A 239 -12.99 -0.87 22.30
CA LEU A 239 -11.90 -0.68 23.25
C LEU A 239 -11.81 0.76 23.74
N SER A 240 -12.46 1.70 23.05
CA SER A 240 -12.44 3.10 23.48
C SER A 240 -13.52 3.37 24.52
N ALA A 241 -14.78 3.21 24.15
CA ALA A 241 -15.88 3.57 25.04
C ALA A 241 -15.95 2.66 26.25
N LEU A 242 -15.74 1.36 26.05
CA LEU A 242 -15.93 0.39 27.12
C LEU A 242 -14.81 0.44 28.16
N PHE A 243 -13.67 1.03 27.83
CA PHE A 243 -12.55 1.09 28.76
C PHE A 243 -12.62 2.35 29.64
N CYS A 244 -13.84 2.79 29.96
CA CYS A 244 -14.21 3.88 30.88
C CYS A 244 -14.08 5.25 30.22
N LEU A 245 -13.64 5.34 28.98
CA LEU A 245 -13.51 6.63 28.33
C LEU A 245 -14.90 7.20 28.03
N ASN A 246 -14.95 8.51 27.82
CA ASN A 246 -16.21 9.21 27.61
C ASN A 246 -16.96 8.64 26.41
N GLY A 247 -18.28 8.51 26.57
CA GLY A 247 -19.09 7.96 25.50
C GLY A 247 -19.08 8.82 24.25
N ARG A 248 -19.19 10.14 24.41
CA ARG A 248 -19.17 11.04 23.26
C ARG A 248 -17.78 11.22 22.69
N CYS A 249 -16.74 10.98 23.48
CA CYS A 249 -15.37 11.07 23.00
C CYS A 249 -14.93 9.79 22.28
N ARG A 250 -15.67 8.70 22.43
CA ARG A 250 -15.27 7.44 21.82
C ARG A 250 -15.27 7.51 20.30
N ARG A 251 -16.19 8.29 19.73
CA ARG A 251 -16.23 8.42 18.27
C ARG A 251 -15.03 9.16 17.71
N THR A 252 -14.24 9.81 18.56
CA THR A 252 -12.97 10.37 18.09
C THR A 252 -11.91 9.29 17.94
N VAL A 253 -11.86 8.35 18.89
CA VAL A 253 -10.89 7.27 18.82
C VAL A 253 -11.24 6.31 17.68
N SER A 254 -12.54 6.02 17.52
CA SER A 254 -12.97 5.03 16.54
C SER A 254 -12.57 5.42 15.12
N MET A 255 -12.75 6.69 14.77
CA MET A 255 -12.41 7.15 13.43
C MET A 255 -10.93 7.39 13.25
N GLU A 256 -10.13 7.29 14.32
CA GLU A 256 -8.68 7.40 14.20
C GLU A 256 -7.98 6.06 14.13
N THR A 257 -8.52 5.03 14.80
CA THR A 257 -7.93 3.71 14.71
C THR A 257 -8.06 3.13 13.31
N GLY A 258 -9.29 3.15 12.77
CA GLY A 258 -9.50 2.59 11.44
C GLY A 258 -8.84 3.39 10.34
N CYS A 259 -9.01 4.72 10.38
CA CYS A 259 -8.41 5.56 9.35
C CYS A 259 -6.92 5.74 9.61
N GLN A 260 -6.12 5.57 8.56
CA GLN A 260 -4.69 5.76 8.66
C GLN A 260 -4.15 6.04 7.26
N ASN A 261 -3.04 6.78 7.20
CA ASN A 261 -2.50 7.19 5.92
C ASN A 261 -1.97 6.00 5.14
N VAL A 262 -2.07 6.09 3.82
CA VAL A 262 -1.58 5.05 2.92
C VAL A 262 -0.73 5.69 1.85
N GLN A 263 -0.72 7.03 1.83
CA GLN A 263 0.23 7.74 0.98
C GLN A 263 1.67 7.57 1.46
N LEU A 264 1.86 7.02 2.66
CA LEU A 264 3.18 6.68 3.16
C LEU A 264 3.58 5.26 2.79
N CYS A 265 2.61 4.35 2.66
CA CYS A 265 2.92 2.99 2.23
C CYS A 265 3.41 2.96 0.80
N SER A 266 2.80 3.76 -0.09
CA SER A 266 3.20 3.77 -1.49
C SER A 266 4.67 4.19 -1.65
N THR A 267 5.18 5.01 -0.75
CA THR A 267 6.57 5.44 -0.83
C THR A 267 7.53 4.29 -0.52
N ILE A 268 7.08 3.28 0.21
CA ILE A 268 7.92 2.14 0.54
C ILE A 268 7.96 1.13 -0.60
N LEU A 269 6.80 0.83 -1.19
CA LEU A 269 6.76 -0.14 -2.28
C LEU A 269 7.54 0.34 -3.49
N ASN A 270 7.61 1.65 -3.70
CA ASN A 270 8.37 2.18 -4.83
C ASN A 270 9.85 1.82 -4.71
N VAL A 271 10.34 1.66 -3.49
CA VAL A 271 11.77 1.47 -3.26
C VAL A 271 12.11 0.09 -2.70
N ALA A 272 11.16 -0.60 -2.06
CA ALA A 272 11.50 -1.84 -1.38
C ALA A 272 11.95 -2.92 -2.34
N PHE A 273 11.28 -3.04 -3.50
CA PHE A 273 11.51 -4.16 -4.40
C PHE A 273 10.92 -3.83 -5.77
N PRO A 274 11.35 -4.54 -6.83
CA PRO A 274 11.23 -3.99 -8.20
C PRO A 274 9.80 -3.71 -8.60
N PRO A 275 9.59 -2.84 -9.60
CA PRO A 275 8.24 -2.45 -9.99
C PRO A 275 7.50 -3.43 -10.88
N GLU A 276 8.19 -4.37 -11.53
CA GLU A 276 7.48 -5.40 -12.28
C GLU A 276 6.84 -6.43 -11.36
N VAL A 277 7.44 -6.64 -10.18
CA VAL A 277 6.79 -7.48 -9.18
C VAL A 277 5.53 -6.79 -8.65
N ILE A 278 5.60 -5.47 -8.48
CA ILE A 278 4.44 -4.72 -7.99
C ILE A 278 3.28 -4.82 -8.99
N GLY A 279 3.55 -4.49 -10.25
CA GLY A 279 2.49 -4.32 -11.21
C GLY A 279 1.55 -3.20 -10.77
N PRO A 280 0.25 -3.41 -10.94
CA PRO A 280 -0.73 -2.42 -10.46
C PRO A 280 -1.04 -2.57 -8.98
N LEU A 281 -0.18 -3.25 -8.22
CA LEU A 281 -0.31 -3.21 -6.77
C LEU A 281 0.00 -1.84 -6.20
N PHE A 282 0.55 -0.93 -7.00
CA PHE A 282 0.65 0.47 -6.58
C PHE A 282 -0.72 1.06 -6.24
N PHE A 283 -1.78 0.51 -6.81
CA PHE A 283 -3.12 1.05 -6.63
C PHE A 283 -3.76 0.60 -5.34
N PHE A 284 -3.15 -0.32 -4.59
CA PHE A 284 -3.77 -0.75 -3.33
C PHE A 284 -3.92 0.39 -2.33
N PRO A 285 -2.90 1.19 -2.03
CA PRO A 285 -3.14 2.33 -1.13
C PRO A 285 -4.17 3.29 -1.65
N LEU A 286 -4.19 3.53 -2.96
CA LEU A 286 -5.25 4.35 -3.54
C LEU A 286 -6.60 3.67 -3.38
N LEU A 287 -6.66 2.37 -3.63
CA LEU A 287 -7.92 1.64 -3.47
C LEU A 287 -8.27 1.44 -2.01
N TYR A 288 -7.27 1.28 -1.14
CA TYR A 288 -7.54 1.12 0.29
C TYR A 288 -8.23 2.34 0.86
N MET A 289 -7.78 3.53 0.47
CA MET A 289 -8.39 4.76 0.97
C MET A 289 -9.82 4.92 0.44
N ILE A 290 -10.06 4.47 -0.80
CA ILE A 290 -11.41 4.52 -1.34
C ILE A 290 -12.37 3.72 -0.47
N PHE A 291 -11.99 2.51 -0.09
CA PHE A 291 -12.82 1.75 0.82
C PHE A 291 -12.71 2.26 2.25
N GLN A 292 -11.55 2.80 2.63
CA GLN A 292 -11.43 3.46 3.93
C GLN A 292 -12.38 4.64 4.01
N LEU A 293 -12.41 5.46 2.97
CA LEU A 293 -13.38 6.56 2.90
C LEU A 293 -14.80 6.02 2.80
N GLY A 294 -15.00 4.97 2.00
CA GLY A 294 -16.34 4.44 1.81
C GLY A 294 -16.94 3.88 3.09
N GLU A 295 -16.14 3.15 3.87
CA GLU A 295 -16.65 2.61 5.12
C GLU A 295 -17.08 3.72 6.08
N GLY A 296 -16.29 4.78 6.16
CA GLY A 296 -16.63 5.88 7.04
C GLY A 296 -17.90 6.59 6.63
N LEU A 297 -18.04 6.87 5.33
CA LEU A 297 -19.22 7.56 4.83
C LEU A 297 -20.50 6.77 5.04
N LEU A 298 -20.38 5.47 5.35
CA LEU A 298 -21.51 4.71 5.87
C LEU A 298 -21.62 4.84 7.38
N LEU A 299 -20.49 5.04 8.07
CA LEU A 299 -20.52 5.26 9.51
C LEU A 299 -21.00 6.66 9.87
N ILE A 300 -20.76 7.64 9.00
CA ILE A 300 -21.20 9.02 9.28
C ILE A 300 -22.71 9.07 9.42
N ALA A 301 -23.43 8.46 8.47
CA ALA A 301 -24.89 8.56 8.48
C ALA A 301 -25.48 7.90 9.72
N ILE A 302 -24.97 6.71 10.09
CA ILE A 302 -25.59 5.93 11.14
C ILE A 302 -25.55 6.70 12.47
N PHE A 303 -24.40 7.27 12.80
CA PHE A 303 -24.31 8.07 14.03
C PHE A 303 -24.81 9.50 13.83
N TRP A 304 -25.15 9.89 12.61
CA TRP A 304 -26.00 11.05 12.40
C TRP A 304 -27.48 10.69 12.45
N CYS A 305 -27.81 9.41 12.43
CA CYS A 305 -29.21 9.01 12.61
C CYS A 305 -29.62 9.09 14.07
N TYR A 306 -28.70 8.79 14.99
CA TYR A 306 -29.06 8.71 16.40
C TYR A 306 -29.55 10.03 16.95
N GLU A 307 -29.08 11.16 16.39
CA GLU A 307 -29.64 12.45 16.77
C GLU A 307 -31.10 12.57 16.36
N LYS A 308 -31.45 12.03 15.20
CA LYS A 308 -32.79 12.12 14.66
C LYS A 308 -33.53 10.80 14.78
N VAL B 2 11.42 -31.95 -4.45
CA VAL B 2 10.39 -31.01 -4.03
C VAL B 2 10.43 -29.75 -4.90
N GLN B 3 11.32 -29.74 -5.88
CA GLN B 3 11.56 -28.60 -6.74
C GLN B 3 10.57 -28.61 -7.90
N LEU B 4 10.62 -27.55 -8.70
CA LEU B 4 9.70 -27.39 -9.82
C LEU B 4 10.02 -28.42 -10.90
N VAL B 5 9.02 -28.71 -11.73
CA VAL B 5 9.11 -29.78 -12.71
C VAL B 5 8.89 -29.20 -14.10
N GLU B 6 9.79 -29.53 -15.03
CA GLU B 6 9.72 -29.06 -16.41
C GLU B 6 9.40 -30.22 -17.34
N SER B 7 8.98 -29.88 -18.55
CA SER B 7 8.72 -30.84 -19.60
C SER B 7 9.15 -30.25 -20.93
N GLY B 8 9.43 -31.13 -21.89
CA GLY B 8 9.83 -30.68 -23.21
C GLY B 8 11.33 -30.67 -23.43
N GLY B 9 11.81 -29.76 -24.25
CA GLY B 9 13.24 -29.65 -24.52
C GLY B 9 13.80 -30.79 -25.34
N GLY B 10 13.45 -30.82 -26.63
CA GLY B 10 13.93 -31.87 -27.50
C GLY B 10 14.70 -31.35 -28.70
N LEU B 11 15.43 -32.24 -29.37
CA LEU B 11 16.16 -31.87 -30.58
C LEU B 11 15.18 -31.40 -31.65
N VAL B 12 15.53 -30.30 -32.31
CA VAL B 12 14.67 -29.73 -33.34
C VAL B 12 15.29 -29.92 -34.71
N SER B 788 9.02 -25.43 -33.50
CA SER B 788 8.57 -24.60 -32.40
C SER B 788 8.04 -25.45 -31.26
N LEU B 789 8.76 -25.49 -30.13
CA LEU B 789 8.40 -26.33 -29.01
C LEU B 789 8.07 -25.48 -27.79
N ARG B 790 7.05 -25.90 -27.06
CA ARG B 790 6.57 -25.22 -25.87
C ARG B 790 6.83 -26.11 -24.67
N LEU B 791 7.38 -25.52 -23.61
CA LEU B 791 7.84 -26.29 -22.46
C LEU B 791 7.18 -25.73 -21.21
N SER B 792 6.72 -26.61 -20.33
CA SER B 792 5.93 -26.24 -19.17
C SER B 792 6.77 -26.31 -17.90
N CYS B 793 6.40 -25.51 -16.90
CA CYS B 793 7.00 -25.56 -15.58
C CYS B 793 5.90 -25.63 -14.53
N ALA B 794 5.68 -26.80 -13.96
CA ALA B 794 4.66 -27.00 -12.95
C ALA B 794 5.32 -27.13 -11.57
N ALA B 795 4.78 -26.39 -10.61
CA ALA B 795 5.28 -26.50 -9.25
C ALA B 795 4.89 -27.85 -8.67
N SER B 796 5.87 -28.56 -8.11
CA SER B 796 5.66 -29.91 -7.62
C SER B 796 5.00 -29.93 -6.24
N THR B 797 4.82 -28.77 -5.62
CA THR B 797 4.11 -28.68 -4.35
C THR B 797 3.20 -27.46 -4.40
N ASN B 798 2.16 -27.49 -3.58
CA ASN B 798 1.23 -26.37 -3.53
C ASN B 798 1.90 -25.20 -2.81
N LEU B 799 2.51 -24.31 -3.58
CA LEU B 799 3.21 -23.16 -3.01
C LEU B 799 2.72 -21.90 -3.70
N ARG B 800 2.82 -20.78 -3.00
CA ARG B 800 2.28 -19.51 -3.44
C ARG B 800 3.45 -18.59 -3.78
N SER B 801 3.64 -18.35 -5.07
CA SER B 801 4.77 -17.57 -5.59
C SER B 801 4.23 -16.35 -6.29
N TYR B 802 4.83 -15.18 -6.01
CA TYR B 802 4.31 -13.95 -6.57
C TYR B 802 4.80 -13.70 -7.99
N ALA B 803 5.82 -14.44 -8.44
CA ALA B 803 6.37 -14.25 -9.77
C ALA B 803 7.19 -15.47 -10.15
N MET B 804 7.13 -15.86 -11.42
CA MET B 804 7.91 -16.98 -11.93
C MET B 804 8.56 -16.59 -13.24
N ALA B 805 9.84 -16.91 -13.38
CA ALA B 805 10.61 -16.53 -14.56
C ALA B 805 11.40 -17.72 -15.07
N TRP B 806 11.88 -17.59 -16.31
CA TRP B 806 12.69 -18.62 -16.93
C TRP B 806 14.12 -18.13 -17.12
N PHE B 807 15.08 -19.02 -16.92
CA PHE B 807 16.48 -18.72 -17.08
C PHE B 807 17.10 -19.76 -18.00
N ARG B 808 18.24 -19.43 -18.57
CA ARG B 808 18.90 -20.27 -19.55
C ARG B 808 20.39 -20.31 -19.27
N GLN B 809 20.96 -21.51 -19.14
CA GLN B 809 22.38 -21.65 -18.89
C GLN B 809 23.03 -22.17 -20.16
N ALA B 810 23.80 -21.32 -20.82
CA ALA B 810 24.45 -21.73 -22.05
C ALA B 810 25.54 -22.75 -21.76
N PRO B 811 25.83 -23.67 -22.67
CA PRO B 811 26.87 -24.67 -22.42
C PRO B 811 28.20 -24.06 -22.04
N GLY B 812 28.65 -24.33 -20.82
CA GLY B 812 29.89 -23.76 -20.33
C GLY B 812 29.84 -22.26 -20.23
N LYS B 813 28.73 -21.73 -19.71
CA LYS B 813 28.55 -20.29 -19.62
C LYS B 813 27.63 -19.98 -18.44
N GLU B 814 27.67 -18.73 -18.00
CA GLU B 814 26.78 -18.28 -16.94
C GLU B 814 25.34 -18.31 -17.42
N ARG B 815 24.43 -18.60 -16.51
CA ARG B 815 23.01 -18.59 -16.85
C ARG B 815 22.55 -17.19 -17.19
N GLU B 816 21.79 -17.05 -18.27
CA GLU B 816 21.31 -15.77 -18.74
C GLU B 816 19.80 -15.69 -18.56
N PHE B 817 19.30 -14.48 -18.38
CA PHE B 817 17.87 -14.25 -18.24
C PHE B 817 17.20 -14.44 -19.60
N VAL B 818 15.98 -14.96 -19.60
CA VAL B 818 15.23 -15.20 -20.82
C VAL B 818 13.86 -14.57 -20.78
N SER B 819 13.05 -14.87 -19.76
CA SER B 819 11.69 -14.36 -19.74
C SER B 819 11.23 -14.26 -18.30
N PHE B 820 10.21 -13.44 -18.08
CA PHE B 820 9.64 -13.23 -16.76
C PHE B 820 8.13 -13.16 -16.90
N ILE B 821 7.41 -13.57 -15.86
CA ILE B 821 5.96 -13.35 -15.80
C ILE B 821 5.56 -13.13 -14.35
N ASN B 822 4.66 -12.18 -14.13
CA ASN B 822 4.02 -12.05 -12.83
C ASN B 822 3.04 -13.19 -12.64
N TRP B 823 2.66 -13.45 -11.40
CA TRP B 823 1.76 -14.57 -11.13
C TRP B 823 0.32 -14.14 -10.98
N ASN B 824 0.03 -13.24 -10.05
CA ASN B 824 -1.32 -12.71 -9.93
C ASN B 824 -1.72 -12.00 -11.22
N TYR B 825 -0.82 -11.20 -11.77
CA TYR B 825 -1.11 -10.35 -12.90
C TYR B 825 -0.32 -10.82 -14.12
N GLY B 826 -0.39 -10.07 -15.21
CA GLY B 826 0.21 -10.51 -16.45
C GLY B 826 1.49 -9.83 -16.86
N ASN B 827 2.16 -9.18 -15.90
CA ASN B 827 3.42 -8.49 -16.21
C ASN B 827 4.44 -9.47 -16.75
N THR B 828 5.12 -9.10 -17.83
CA THR B 828 6.15 -9.93 -18.43
C THR B 828 7.26 -9.05 -18.97
N ARG B 829 8.49 -9.58 -18.99
CA ARG B 829 9.66 -8.82 -19.44
C ARG B 829 10.66 -9.80 -20.05
N TYR B 830 10.64 -9.94 -21.36
CA TYR B 830 11.57 -10.85 -22.03
C TYR B 830 12.96 -10.23 -22.10
N ALA B 831 13.94 -11.06 -22.45
CA ALA B 831 15.32 -10.61 -22.53
C ALA B 831 15.55 -9.84 -23.83
N ASP B 832 16.81 -9.47 -24.05
CA ASP B 832 17.18 -8.64 -25.20
C ASP B 832 16.92 -9.34 -26.52
N SER B 833 17.62 -10.45 -26.75
CA SER B 833 17.55 -11.12 -28.05
C SER B 833 16.16 -11.71 -28.28
N VAL B 834 15.52 -12.18 -27.22
CA VAL B 834 14.33 -13.00 -27.32
C VAL B 834 13.07 -12.14 -27.33
N LYS B 835 13.22 -10.82 -27.49
CA LYS B 835 12.11 -9.89 -27.32
C LYS B 835 10.87 -10.30 -28.08
N GLY B 836 11.04 -10.72 -29.34
CA GLY B 836 9.90 -11.09 -30.15
C GLY B 836 9.62 -12.58 -30.20
N ARG B 837 10.65 -13.40 -30.15
CA ARG B 837 10.53 -14.82 -30.42
C ARG B 837 9.66 -15.56 -29.42
N PHE B 838 10.11 -15.67 -28.17
CA PHE B 838 9.48 -16.58 -27.23
C PHE B 838 8.27 -15.90 -26.60
N THR B 839 7.44 -16.68 -25.92
CA THR B 839 6.30 -16.13 -25.20
C THR B 839 6.02 -16.96 -23.97
N ILE B 840 5.93 -16.32 -22.81
CA ILE B 840 5.69 -16.98 -21.54
C ILE B 840 4.26 -16.69 -21.11
N SER B 841 3.55 -17.74 -20.70
CA SER B 841 2.16 -17.60 -20.30
C SER B 841 1.83 -18.62 -19.23
N ARG B 842 0.96 -18.23 -18.30
CA ARG B 842 0.46 -19.11 -17.26
C ARG B 842 -0.97 -19.55 -17.59
N ASP B 843 -1.53 -20.40 -16.74
CA ASP B 843 -2.94 -20.75 -16.81
C ASP B 843 -3.62 -20.44 -15.48
N ASN B 844 -4.86 -19.96 -15.57
CA ASN B 844 -5.63 -19.66 -14.37
C ASN B 844 -5.88 -20.92 -13.55
N ALA B 845 -6.37 -21.98 -14.20
CA ALA B 845 -6.77 -23.19 -13.49
C ALA B 845 -5.58 -23.86 -12.81
N LYS B 846 -4.67 -24.40 -13.61
CA LYS B 846 -3.52 -25.09 -13.02
C LYS B 846 -2.42 -24.09 -12.65
N ILE B 847 -1.35 -24.62 -12.07
CA ILE B 847 -0.21 -23.82 -11.65
C ILE B 847 0.99 -23.98 -12.56
N THR B 848 0.81 -24.54 -13.75
CA THR B 848 1.90 -24.70 -14.70
C THR B 848 2.22 -23.36 -15.35
N VAL B 849 3.48 -23.20 -15.74
CA VAL B 849 3.95 -22.03 -16.47
C VAL B 849 4.53 -22.50 -17.79
N TYR B 850 4.26 -21.77 -18.86
CA TYR B 850 4.67 -22.17 -20.20
C TYR B 850 5.63 -21.13 -20.76
N LEU B 851 6.42 -21.56 -21.75
CA LEU B 851 7.25 -20.65 -22.53
C LEU B 851 7.20 -21.12 -23.98
N GLN B 852 6.22 -20.62 -24.73
CA GLN B 852 6.12 -21.00 -26.12
C GLN B 852 7.25 -20.37 -26.93
N MET B 853 7.92 -21.18 -27.73
CA MET B 853 9.02 -20.71 -28.56
C MET B 853 8.62 -20.73 -30.02
N ASN B 854 9.11 -19.74 -30.76
CA ASN B 854 8.92 -19.65 -32.20
C ASN B 854 10.19 -19.14 -32.84
N SER B 855 10.43 -19.55 -34.08
CA SER B 855 11.59 -19.14 -34.87
C SER B 855 12.88 -19.37 -34.09
N LEU B 856 13.12 -20.63 -33.76
CA LEU B 856 14.31 -20.98 -32.99
C LEU B 856 15.57 -20.75 -33.80
N LYS B 857 16.57 -20.16 -33.16
CA LYS B 857 17.89 -19.92 -33.72
C LYS B 857 18.85 -21.00 -33.21
N PRO B 858 19.79 -21.44 -34.04
CA PRO B 858 20.72 -22.49 -33.58
C PRO B 858 21.68 -22.05 -32.49
N GLU B 859 21.62 -20.79 -32.05
CA GLU B 859 22.40 -20.37 -30.89
C GLU B 859 21.63 -20.53 -29.59
N ASP B 860 20.36 -20.95 -29.65
CA ASP B 860 19.56 -21.10 -28.45
C ASP B 860 19.76 -22.44 -27.76
N THR B 861 20.63 -23.31 -28.29
CA THR B 861 20.87 -24.61 -27.68
C THR B 861 21.48 -24.41 -26.30
N ALA B 862 20.70 -24.69 -25.26
CA ALA B 862 21.16 -24.53 -23.88
C ALA B 862 20.25 -25.33 -22.98
N VAL B 863 20.42 -25.19 -21.67
CA VAL B 863 19.66 -25.93 -20.67
C VAL B 863 18.83 -24.92 -19.89
N TYR B 864 17.53 -24.91 -20.11
CA TYR B 864 16.66 -23.92 -19.49
C TYR B 864 16.29 -24.33 -18.08
N TYR B 865 16.30 -23.36 -17.17
CA TYR B 865 16.16 -23.59 -15.73
C TYR B 865 15.01 -22.72 -15.22
N CYS B 866 13.86 -23.33 -15.03
CA CYS B 866 12.70 -22.60 -14.50
C CYS B 866 12.98 -22.13 -13.09
N ALA B 867 12.49 -20.93 -12.77
CA ALA B 867 12.74 -20.32 -11.47
C ALA B 867 11.45 -19.79 -10.89
N ALA B 868 11.32 -19.85 -9.56
CA ALA B 868 10.16 -19.35 -8.86
C ALA B 868 10.60 -18.42 -7.73
N ALA B 869 9.74 -17.46 -7.40
CA ALA B 869 10.04 -16.45 -6.39
C ALA B 869 8.96 -16.52 -5.30
N THR B 870 9.35 -16.97 -4.11
CA THR B 870 8.38 -17.12 -3.03
C THR B 870 8.35 -15.89 -2.12
N ILE B 871 9.48 -15.57 -1.49
CA ILE B 871 9.54 -14.48 -0.52
C ILE B 871 10.05 -13.23 -1.21
N GLY B 872 9.43 -12.09 -0.92
CA GLY B 872 9.81 -10.85 -1.56
C GLY B 872 11.15 -10.35 -1.04
N ARG B 873 11.93 -9.72 -1.92
CA ARG B 873 13.18 -9.09 -1.54
C ARG B 873 13.58 -8.11 -2.63
N LEU B 874 14.54 -7.24 -2.31
CA LEU B 874 15.07 -6.28 -3.28
C LEU B 874 16.19 -6.96 -4.05
N ALA B 875 15.88 -7.42 -5.26
CA ALA B 875 16.87 -8.00 -6.15
C ALA B 875 16.45 -7.76 -7.59
N GLY B 876 17.43 -7.71 -8.48
CA GLY B 876 17.12 -7.49 -9.87
C GLY B 876 16.39 -8.67 -10.47
N ILE B 877 15.48 -8.37 -11.41
CA ILE B 877 14.80 -9.43 -12.14
C ILE B 877 15.78 -10.27 -12.92
N ASP B 878 16.72 -9.62 -13.62
CA ASP B 878 17.72 -10.35 -14.40
C ASP B 878 18.60 -11.19 -13.50
N SER B 879 18.89 -10.69 -12.30
CA SER B 879 19.75 -11.44 -11.38
C SER B 879 19.00 -12.62 -10.80
N THR B 880 19.74 -13.68 -10.50
CA THR B 880 19.17 -14.92 -9.98
C THR B 880 18.94 -14.88 -8.49
N THR B 881 19.34 -13.79 -7.82
CA THR B 881 19.21 -13.74 -6.37
C THR B 881 17.77 -13.56 -5.92
N LEU B 882 16.91 -13.08 -6.82
CA LEU B 882 15.52 -12.84 -6.44
C LEU B 882 14.76 -14.14 -6.22
N TYR B 883 15.14 -15.21 -6.92
CA TYR B 883 14.33 -16.41 -6.99
C TYR B 883 14.73 -17.40 -5.89
N ASP B 884 13.76 -17.83 -5.09
CA ASP B 884 14.03 -18.69 -3.95
C ASP B 884 13.98 -20.16 -4.33
N TYR B 885 13.18 -20.52 -5.32
CA TYR B 885 13.09 -21.90 -5.78
C TYR B 885 13.53 -22.01 -7.23
N TRP B 886 14.18 -23.12 -7.56
CA TRP B 886 14.64 -23.39 -8.91
C TRP B 886 14.00 -24.67 -9.41
N GLY B 887 14.40 -25.09 -10.61
CA GLY B 887 13.76 -26.18 -11.30
C GLY B 887 14.69 -27.37 -11.51
N GLN B 888 14.06 -28.48 -11.91
CA GLN B 888 14.77 -29.70 -12.22
C GLN B 888 15.75 -29.46 -13.37
N GLY B 889 15.31 -28.74 -14.39
CA GLY B 889 16.13 -28.36 -15.52
C GLY B 889 15.88 -29.22 -16.75
N THR B 890 15.87 -28.56 -17.90
CA THR B 890 15.62 -29.25 -19.16
C THR B 890 16.50 -28.61 -20.24
N GLN B 891 16.89 -29.43 -21.21
CA GLN B 891 17.84 -29.00 -22.23
C GLN B 891 17.12 -28.89 -23.56
N VAL B 892 17.33 -27.77 -24.25
CA VAL B 892 16.74 -27.50 -25.54
C VAL B 892 17.85 -27.48 -26.59
N THR B 893 17.65 -28.20 -27.68
CA THR B 893 18.64 -28.31 -28.73
C THR B 893 17.98 -28.12 -30.08
N VAL B 894 18.65 -27.37 -30.96
CA VAL B 894 18.13 -27.07 -32.30
C VAL B 894 19.23 -27.25 -33.33
N SER B 895 18.89 -27.11 -34.61
CA SER B 895 19.83 -27.37 -35.69
C SER B 895 19.77 -26.30 -36.81
#